data_8OGR
#
_entry.id   8OGR
#
_cell.length_a   118.860
_cell.length_b   38.970
_cell.length_c   68.450
_cell.angle_alpha   90.000
_cell.angle_beta   95.510
_cell.angle_gamma   90.000
#
_symmetry.space_group_name_H-M   'C 1 2 1'
#
loop_
_entity.id
_entity.type
_entity.pdbx_description
1 polymer 'Cyclic di-AMP synthase CdaA'
2 non-polymer N-[3-(diethylamino)phenyl]ethanamide
3 non-polymer 'MAGNESIUM ION'
4 water water
#
_entity_poly.entity_id   1
_entity_poly.type   'polypeptide(L)'
_entity_poly.pdbx_seq_one_letter_code
;GPTPVEEAQQKTIEAITKAINYMAKRRIGALLTIERDTGMGDYIETGIPLNAKVSSELLINIFIPNTPLHDGAVIMKNNE
IAAAACYLPLSESPFISKELGTRHRAAVGISEVTDSLTIIVSEETGGVSVAKNGDLHRELTEEALKEMLEAEFK
;
_entity_poly.pdbx_strand_id   A,B
#
# COMPACT_ATOMS: atom_id res chain seq x y z
N THR A 3 -19.14 -20.22 -7.40
CA THR A 3 -17.87 -20.94 -7.40
C THR A 3 -16.75 -20.07 -6.83
N PRO A 4 -15.60 -20.68 -6.48
CA PRO A 4 -14.48 -19.88 -5.94
C PRO A 4 -14.04 -18.73 -6.84
N VAL A 5 -13.92 -18.95 -8.14
CA VAL A 5 -13.50 -17.88 -9.06
C VAL A 5 -14.54 -16.76 -9.07
N GLU A 6 -15.83 -17.12 -9.05
CA GLU A 6 -16.88 -16.11 -9.07
C GLU A 6 -16.93 -15.33 -7.77
N GLU A 7 -16.79 -16.01 -6.63
CA GLU A 7 -16.75 -15.30 -5.36
C GLU A 7 -15.57 -14.36 -5.29
N ALA A 8 -14.41 -14.79 -5.84
CA ALA A 8 -13.23 -13.92 -5.81
C ALA A 8 -13.44 -12.68 -6.67
N GLN A 9 -14.04 -12.84 -7.85
CA GLN A 9 -14.26 -11.70 -8.74
C GLN A 9 -15.21 -10.69 -8.09
N GLN A 10 -16.26 -11.19 -7.44
CA GLN A 10 -17.19 -10.27 -6.80
C GLN A 10 -16.53 -9.55 -5.63
N LYS A 11 -15.71 -10.26 -4.85
CA LYS A 11 -15.00 -9.62 -3.75
C LYS A 11 -14.13 -8.49 -4.25
N THR A 12 -13.47 -8.70 -5.38
CA THR A 12 -12.62 -7.66 -5.97
C THR A 12 -13.44 -6.49 -6.47
N ILE A 13 -14.58 -6.75 -7.12
CA ILE A 13 -15.45 -5.66 -7.54
C ILE A 13 -15.90 -4.84 -6.32
N GLU A 14 -16.24 -5.52 -5.23
CA GLU A 14 -16.68 -4.83 -4.03
C GLU A 14 -15.56 -3.98 -3.44
N ALA A 15 -14.34 -4.49 -3.43
CA ALA A 15 -13.21 -3.72 -2.91
C ALA A 15 -12.96 -2.47 -3.77
N ILE A 16 -13.00 -2.61 -5.09
CA ILE A 16 -12.80 -1.48 -5.98
C ILE A 16 -13.89 -0.44 -5.75
N THR A 17 -15.16 -0.87 -5.73
CA THR A 17 -16.21 0.13 -5.63
C THR A 17 -16.16 0.85 -4.28
N LYS A 18 -15.83 0.14 -3.20
CA LYS A 18 -15.72 0.81 -1.91
C LYS A 18 -14.59 1.85 -1.96
N ALA A 19 -13.45 1.50 -2.54
CA ALA A 19 -12.34 2.46 -2.61
C ALA A 19 -12.70 3.67 -3.48
N ILE A 20 -13.29 3.42 -4.65
CA ILE A 20 -13.66 4.50 -5.56
C ILE A 20 -14.66 5.44 -4.89
N ASN A 21 -15.63 4.88 -4.16
CA ASN A 21 -16.62 5.71 -3.48
C ASN A 21 -15.96 6.62 -2.45
N TYR A 22 -15.02 6.08 -1.66
N TYR A 22 -15.03 6.10 -1.67
CA TYR A 22 -14.30 6.87 -0.67
CA TYR A 22 -14.39 6.96 -0.69
C TYR A 22 -13.54 8.01 -1.35
C TYR A 22 -13.57 8.05 -1.37
N MET A 23 -12.86 7.70 -2.45
CA MET A 23 -12.04 8.69 -3.12
C MET A 23 -12.90 9.73 -3.82
N ALA A 24 -14.03 9.33 -4.36
CA ALA A 24 -14.92 10.31 -4.98
C ALA A 24 -15.43 11.32 -3.94
N LYS A 25 -15.83 10.83 -2.77
CA LYS A 25 -16.33 11.72 -1.72
C LYS A 25 -15.30 12.76 -1.31
N ARG A 26 -14.03 12.38 -1.27
N ARG A 26 -14.03 12.39 -1.28
CA ARG A 26 -12.97 13.27 -0.80
CA ARG A 26 -12.97 13.25 -0.81
C ARG A 26 -12.23 13.94 -1.95
C ARG A 26 -12.23 13.93 -1.95
N ARG A 27 -12.66 13.69 -3.18
CA ARG A 27 -12.03 14.30 -4.35
C ARG A 27 -10.54 14.00 -4.39
N ILE A 28 -10.23 12.72 -4.18
CA ILE A 28 -8.88 12.18 -4.29
C ILE A 28 -8.73 11.64 -5.71
N GLY A 29 -7.77 12.19 -6.46
CA GLY A 29 -7.55 11.71 -7.80
C GLY A 29 -7.06 10.27 -7.80
N ALA A 30 -7.55 9.48 -8.75
CA ALA A 30 -7.15 8.08 -8.83
C ALA A 30 -7.22 7.60 -10.26
N LEU A 31 -6.38 6.61 -10.57
CA LEU A 31 -6.25 6.04 -11.90
C LEU A 31 -5.99 4.56 -11.71
N LEU A 32 -6.94 3.72 -12.09
CA LEU A 32 -6.89 2.29 -11.80
C LEU A 32 -7.22 1.52 -13.08
N THR A 33 -6.23 0.84 -13.64
CA THR A 33 -6.39 0.11 -14.89
C THR A 33 -6.43 -1.39 -14.62
N ILE A 34 -7.44 -2.06 -15.16
CA ILE A 34 -7.59 -3.51 -15.01
C ILE A 34 -7.18 -4.15 -16.33
N GLU A 35 -6.07 -4.89 -16.31
CA GLU A 35 -5.60 -5.60 -17.50
C GLU A 35 -6.61 -6.68 -17.86
N ARG A 36 -6.84 -6.84 -19.17
CA ARG A 36 -7.73 -7.86 -19.70
C ARG A 36 -6.92 -8.78 -20.63
N ASP A 37 -7.35 -8.96 -21.87
CA ASP A 37 -6.66 -9.92 -22.72
C ASP A 37 -5.36 -9.36 -23.30
N THR A 38 -5.29 -8.05 -23.51
CA THR A 38 -4.06 -7.48 -24.03
C THR A 38 -3.08 -7.35 -22.87
N GLY A 39 -1.89 -7.95 -23.02
CA GLY A 39 -0.89 -7.87 -21.96
C GLY A 39 -0.38 -6.47 -21.78
N MET A 40 -0.18 -6.08 -20.51
CA MET A 40 0.33 -4.75 -20.20
C MET A 40 1.62 -4.79 -19.39
N GLY A 41 2.41 -5.84 -19.59
CA GLY A 41 3.65 -5.97 -18.85
C GLY A 41 4.58 -4.79 -18.99
N ASP A 42 4.68 -4.21 -20.19
CA ASP A 42 5.61 -3.10 -20.38
C ASP A 42 5.20 -1.87 -19.57
N TYR A 43 3.91 -1.68 -19.31
CA TYR A 43 3.49 -0.57 -18.47
C TYR A 43 3.60 -0.91 -16.99
N ILE A 44 3.28 -2.17 -16.62
CA ILE A 44 3.48 -2.60 -15.24
C ILE A 44 4.92 -2.39 -14.80
N GLU A 45 5.87 -2.65 -15.71
CA GLU A 45 7.27 -2.59 -15.36
C GLU A 45 7.73 -1.16 -15.08
N THR A 46 6.95 -0.15 -15.49
CA THR A 46 7.35 1.23 -15.21
C THR A 46 7.01 1.69 -13.80
N GLY A 47 6.21 0.94 -13.06
CA GLY A 47 5.77 1.33 -11.74
C GLY A 47 6.54 0.63 -10.63
N ILE A 48 6.01 0.74 -9.42
CA ILE A 48 6.59 0.12 -8.24
C ILE A 48 5.92 -1.26 -8.10
N PRO A 49 6.67 -2.35 -8.12
CA PRO A 49 6.03 -3.67 -7.98
C PRO A 49 5.37 -3.85 -6.63
N LEU A 50 4.15 -4.39 -6.64
CA LEU A 50 3.39 -4.76 -5.44
C LEU A 50 3.00 -6.22 -5.41
N ASN A 51 2.41 -6.74 -6.50
CA ASN A 51 1.78 -8.06 -6.49
C ASN A 51 1.03 -8.34 -5.20
N ALA A 52 0.15 -7.41 -4.87
CA ALA A 52 -0.55 -7.42 -3.61
C ALA A 52 -1.97 -7.91 -3.77
N LYS A 53 -2.49 -8.51 -2.69
CA LYS A 53 -3.91 -8.79 -2.62
C LYS A 53 -4.71 -7.50 -2.71
N VAL A 54 -5.84 -7.55 -3.41
CA VAL A 54 -6.70 -6.38 -3.49
C VAL A 54 -7.43 -6.18 -2.18
N SER A 55 -7.49 -4.94 -1.71
CA SER A 55 -8.41 -4.56 -0.64
C SER A 55 -8.84 -3.12 -0.90
N SER A 56 -10.03 -2.74 -0.43
CA SER A 56 -10.38 -1.33 -0.49
C SER A 56 -9.38 -0.48 0.29
N GLU A 57 -8.91 -0.98 1.42
CA GLU A 57 -7.96 -0.24 2.26
C GLU A 57 -6.67 0.05 1.53
N LEU A 58 -6.08 -0.96 0.90
CA LEU A 58 -4.83 -0.72 0.18
C LEU A 58 -5.05 0.26 -0.98
N LEU A 59 -6.16 0.10 -1.71
CA LEU A 59 -6.41 1.00 -2.82
C LEU A 59 -6.46 2.44 -2.34
N ILE A 60 -7.19 2.71 -1.25
CA ILE A 60 -7.26 4.06 -0.71
C ILE A 60 -5.87 4.54 -0.29
N ASN A 61 -5.12 3.70 0.41
CA ASN A 61 -3.81 4.12 0.90
C ASN A 61 -2.86 4.48 -0.23
N ILE A 62 -2.97 3.79 -1.36
CA ILE A 62 -2.09 4.07 -2.50
C ILE A 62 -2.30 5.49 -3.02
N PHE A 63 -3.55 5.94 -3.13
CA PHE A 63 -3.85 7.19 -3.81
C PHE A 63 -3.89 8.42 -2.90
N ILE A 64 -3.46 8.31 -1.65
CA ILE A 64 -3.52 9.50 -0.81
C ILE A 64 -2.62 10.60 -1.39
N PRO A 65 -3.07 11.84 -1.46
CA PRO A 65 -2.27 12.88 -2.12
C PRO A 65 -0.92 13.09 -1.44
N ASN A 66 0.08 13.43 -2.27
CA ASN A 66 1.43 13.77 -1.82
C ASN A 66 2.15 12.60 -1.14
N THR A 67 1.86 11.39 -1.57
CA THR A 67 2.54 10.21 -1.10
C THR A 67 3.36 9.58 -2.21
N PRO A 68 4.26 8.65 -1.88
CA PRO A 68 5.09 8.04 -2.94
C PRO A 68 4.31 7.34 -4.05
N LEU A 69 3.19 6.68 -3.75
CA LEU A 69 2.54 5.83 -4.74
C LEU A 69 1.41 6.51 -5.50
N HIS A 70 1.07 7.77 -5.18
CA HIS A 70 -0.18 8.31 -5.70
C HIS A 70 -0.11 8.82 -7.14
N ASP A 71 1.07 9.08 -7.69
CA ASP A 71 1.23 9.71 -8.99
C ASP A 71 1.44 8.62 -10.05
N GLY A 72 0.43 8.39 -10.87
CA GLY A 72 0.49 7.33 -11.85
C GLY A 72 -0.63 6.35 -11.62
N ALA A 73 -0.62 5.29 -12.43
CA ALA A 73 -1.72 4.33 -12.44
C ALA A 73 -1.39 3.12 -11.59
N VAL A 74 -2.40 2.62 -10.87
CA VAL A 74 -2.43 1.24 -10.38
C VAL A 74 -2.84 0.35 -11.54
N ILE A 75 -2.11 -0.74 -11.76
CA ILE A 75 -2.50 -1.75 -12.73
C ILE A 75 -2.81 -3.04 -12.00
N MET A 76 -4.01 -3.55 -12.24
CA MET A 76 -4.45 -4.82 -11.68
C MET A 76 -4.39 -5.91 -12.75
N LYS A 77 -4.04 -7.12 -12.32
CA LYS A 77 -3.88 -8.26 -13.20
C LYS A 77 -4.08 -9.53 -12.37
N ASN A 78 -4.83 -10.48 -12.90
CA ASN A 78 -5.06 -11.76 -12.20
C ASN A 78 -5.52 -11.56 -10.76
N ASN A 79 -6.38 -10.57 -10.55
CA ASN A 79 -7.05 -10.35 -9.26
C ASN A 79 -6.10 -9.83 -8.18
N GLU A 80 -4.96 -9.23 -8.56
CA GLU A 80 -3.99 -8.75 -7.59
C GLU A 80 -3.32 -7.48 -8.10
N ILE A 81 -3.17 -6.46 -7.26
CA ILE A 81 -2.54 -5.21 -7.66
C ILE A 81 -1.10 -5.49 -8.11
N ALA A 82 -0.84 -5.40 -9.42
CA ALA A 82 0.50 -5.74 -9.94
C ALA A 82 1.52 -4.68 -9.56
N ALA A 83 1.20 -3.40 -9.79
CA ALA A 83 2.12 -2.31 -9.54
C ALA A 83 1.34 -1.00 -9.38
N ALA A 84 1.98 -0.04 -8.74
CA ALA A 84 1.43 1.29 -8.57
C ALA A 84 2.37 2.33 -9.18
N ALA A 85 1.85 3.54 -9.37
CA ALA A 85 2.65 4.64 -9.92
C ALA A 85 3.21 4.29 -11.31
N CYS A 86 2.39 3.66 -12.14
CA CYS A 86 2.80 3.23 -13.46
C CYS A 86 2.54 4.32 -14.48
N TYR A 87 3.38 4.37 -15.53
CA TYR A 87 3.15 5.20 -16.69
C TYR A 87 2.07 4.61 -17.59
N LEU A 88 1.18 5.47 -18.09
CA LEU A 88 0.26 5.13 -19.16
C LEU A 88 0.42 6.19 -20.25
N PRO A 89 0.20 5.83 -21.52
CA PRO A 89 0.37 6.79 -22.61
C PRO A 89 -0.78 7.79 -22.65
N LEU A 90 -0.44 9.05 -22.96
CA LEU A 90 -1.42 10.11 -22.99
C LEU A 90 -2.11 10.12 -24.36
N SER A 91 -3.43 10.06 -24.35
CA SER A 91 -4.19 10.17 -25.58
C SER A 91 -4.00 11.55 -26.20
N GLU A 92 -3.94 11.58 -27.54
CA GLU A 92 -4.04 12.81 -28.31
C GLU A 92 -5.41 12.98 -28.94
N SER A 93 -6.42 12.29 -28.42
CA SER A 93 -7.73 12.40 -28.97
C SER A 93 -8.26 13.82 -28.81
N PRO A 94 -8.78 14.44 -29.87
CA PRO A 94 -9.39 15.77 -29.71
C PRO A 94 -10.81 15.74 -29.17
N PHE A 95 -11.33 14.57 -28.79
CA PHE A 95 -12.74 14.40 -28.43
C PHE A 95 -12.95 14.11 -26.96
N ILE A 96 -11.96 14.38 -26.15
CA ILE A 96 -12.06 14.32 -24.71
C ILE A 96 -12.47 15.70 -24.22
N SER A 97 -13.35 15.73 -23.23
CA SER A 97 -13.82 16.98 -22.64
C SER A 97 -12.64 17.89 -22.31
N LYS A 98 -12.72 19.14 -22.77
CA LYS A 98 -11.55 20.02 -22.73
C LYS A 98 -11.13 20.41 -21.30
N GLU A 99 -12.00 20.24 -20.31
CA GLU A 99 -11.60 20.60 -18.95
C GLU A 99 -10.80 19.51 -18.24
N LEU A 100 -10.69 18.33 -18.82
CA LEU A 100 -10.02 17.22 -18.17
C LEU A 100 -8.52 17.25 -18.42
N GLY A 101 -7.80 16.74 -17.44
CA GLY A 101 -6.35 16.77 -17.50
C GLY A 101 -5.71 15.42 -17.75
N THR A 102 -4.47 15.31 -17.26
CA THR A 102 -3.60 14.22 -17.70
C THR A 102 -4.05 12.86 -17.19
N ARG A 103 -4.68 12.79 -16.02
CA ARG A 103 -5.19 11.52 -15.52
C ARG A 103 -6.18 10.90 -16.49
N HIS A 104 -7.12 11.71 -16.96
CA HIS A 104 -8.13 11.22 -17.88
C HIS A 104 -7.55 10.94 -19.26
N ARG A 105 -6.57 11.76 -19.71
CA ARG A 105 -5.95 11.50 -20.99
C ARG A 105 -5.09 10.24 -20.95
N ALA A 106 -4.49 9.93 -19.80
CA ALA A 106 -3.72 8.70 -19.67
C ALA A 106 -4.66 7.49 -19.72
N ALA A 107 -5.79 7.57 -19.04
CA ALA A 107 -6.77 6.50 -19.06
C ALA A 107 -7.25 6.25 -20.48
N VAL A 108 -7.64 7.30 -21.20
CA VAL A 108 -8.07 7.13 -22.58
C VAL A 108 -6.93 6.57 -23.42
N GLY A 109 -5.71 7.08 -23.23
CA GLY A 109 -4.57 6.60 -24.02
C GLY A 109 -4.32 5.12 -23.90
N ILE A 110 -4.32 4.58 -22.66
CA ILE A 110 -4.11 3.14 -22.53
C ILE A 110 -5.29 2.37 -23.15
N SER A 111 -6.51 2.93 -23.06
CA SER A 111 -7.68 2.27 -23.63
C SER A 111 -7.72 2.25 -25.14
N GLU A 112 -6.88 3.07 -25.81
CA GLU A 112 -6.76 3.08 -27.26
C GLU A 112 -5.90 1.94 -27.81
N VAL A 113 -4.99 1.40 -26.99
CA VAL A 113 -4.04 0.40 -27.44
C VAL A 113 -4.16 -0.93 -26.67
N THR A 114 -5.20 -1.07 -25.85
CA THR A 114 -5.45 -2.29 -25.10
C THR A 114 -6.95 -2.44 -24.94
N ASP A 115 -7.38 -3.64 -24.54
CA ASP A 115 -8.76 -3.89 -24.18
C ASP A 115 -9.01 -3.69 -22.68
N SER A 116 -8.14 -2.95 -22.00
CA SER A 116 -8.26 -2.77 -20.55
C SER A 116 -9.44 -1.84 -20.24
N LEU A 117 -9.88 -1.90 -18.98
CA LEU A 117 -10.86 -0.98 -18.42
C LEU A 117 -10.16 -0.15 -17.36
N THR A 118 -10.23 1.18 -17.49
CA THR A 118 -9.60 2.09 -16.54
C THR A 118 -10.65 2.94 -15.84
N ILE A 119 -10.52 3.05 -14.52
CA ILE A 119 -11.39 3.89 -13.69
C ILE A 119 -10.61 5.13 -13.29
N ILE A 120 -11.26 6.30 -13.37
CA ILE A 120 -10.63 7.55 -13.01
C ILE A 120 -11.53 8.25 -11.99
N VAL A 121 -10.94 8.76 -10.91
CA VAL A 121 -11.58 9.72 -10.03
C VAL A 121 -10.94 11.09 -10.27
N SER A 122 -11.78 12.09 -10.53
CA SER A 122 -11.29 13.45 -10.72
C SER A 122 -10.95 14.08 -9.39
N GLU A 123 -9.77 14.70 -9.30
CA GLU A 123 -9.41 15.49 -8.13
C GLU A 123 -10.12 16.84 -8.09
N GLU A 124 -10.66 17.28 -9.21
CA GLU A 124 -11.34 18.56 -9.25
C GLU A 124 -12.79 18.43 -8.78
N THR A 125 -13.48 17.36 -9.18
CA THR A 125 -14.91 17.20 -8.88
C THR A 125 -15.27 15.95 -8.10
N GLY A 126 -14.36 14.98 -7.96
CA GLY A 126 -14.72 13.70 -7.44
C GLY A 126 -15.55 12.86 -8.39
N GLY A 127 -15.77 13.34 -9.60
CA GLY A 127 -16.48 12.55 -10.59
C GLY A 127 -15.74 11.28 -10.96
N VAL A 128 -16.51 10.24 -11.24
CA VAL A 128 -15.98 8.93 -11.57
C VAL A 128 -16.25 8.67 -13.05
N SER A 129 -15.21 8.23 -13.78
CA SER A 129 -15.32 7.93 -15.20
C SER A 129 -14.60 6.62 -15.50
N VAL A 130 -14.92 6.04 -16.65
CA VAL A 130 -14.28 4.82 -17.11
C VAL A 130 -13.84 5.03 -18.55
N ALA A 131 -12.61 4.62 -18.86
CA ALA A 131 -12.10 4.59 -20.22
C ALA A 131 -12.02 3.15 -20.73
N LYS A 132 -12.53 2.96 -21.94
CA LYS A 132 -12.48 1.69 -22.63
C LYS A 132 -12.60 1.95 -24.12
N ASN A 133 -11.79 1.25 -24.91
CA ASN A 133 -11.89 1.29 -26.38
C ASN A 133 -11.65 2.69 -26.96
N GLY A 134 -10.99 3.60 -26.24
CA GLY A 134 -10.75 4.94 -26.72
C GLY A 134 -11.79 5.96 -26.33
N ASP A 135 -12.83 5.54 -25.61
CA ASP A 135 -13.87 6.45 -25.16
C ASP A 135 -13.88 6.57 -23.64
N LEU A 136 -14.28 7.76 -23.20
CA LEU A 136 -14.41 8.08 -21.78
C LEU A 136 -15.90 8.23 -21.45
N HIS A 137 -16.34 7.44 -20.46
CA HIS A 137 -17.71 7.45 -19.96
C HIS A 137 -17.75 8.18 -18.63
N ARG A 138 -18.37 9.35 -18.64
CA ARG A 138 -18.20 10.31 -17.57
C ARG A 138 -19.37 10.32 -16.59
N GLU A 139 -19.09 10.88 -15.42
CA GLU A 139 -20.09 11.19 -14.40
C GLU A 139 -20.93 9.97 -14.08
N LEU A 140 -20.25 8.89 -13.73
CA LEU A 140 -20.93 7.63 -13.43
C LEU A 140 -21.45 7.62 -12.00
N THR A 141 -22.66 7.07 -11.84
CA THR A 141 -23.17 6.71 -10.54
C THR A 141 -22.48 5.44 -10.04
N GLU A 142 -22.72 5.11 -8.77
CA GLU A 142 -22.18 3.88 -8.19
C GLU A 142 -22.72 2.66 -8.92
N GLU A 143 -24.03 2.67 -9.21
CA GLU A 143 -24.64 1.55 -9.92
C GLU A 143 -24.05 1.37 -11.31
N ALA A 144 -23.77 2.48 -12.02
CA ALA A 144 -23.22 2.40 -13.37
C ALA A 144 -21.82 1.80 -13.37
N LEU A 145 -20.98 2.21 -12.43
CA LEU A 145 -19.63 1.66 -12.35
C LEU A 145 -19.69 0.17 -12.09
N LYS A 146 -20.55 -0.25 -11.15
CA LYS A 146 -20.69 -1.66 -10.83
C LYS A 146 -21.11 -2.43 -12.07
N GLU A 147 -22.08 -1.88 -12.82
CA GLU A 147 -22.54 -2.54 -14.02
C GLU A 147 -21.40 -2.73 -15.01
N MET A 148 -20.55 -1.70 -15.18
CA MET A 148 -19.43 -1.82 -16.09
C MET A 148 -18.45 -2.89 -15.62
N LEU A 149 -18.16 -2.93 -14.33
CA LEU A 149 -17.24 -3.95 -13.83
C LEU A 149 -17.83 -5.35 -14.03
N GLU A 150 -19.11 -5.55 -13.72
CA GLU A 150 -19.70 -6.86 -13.89
C GLU A 150 -19.76 -7.24 -15.36
N ALA A 151 -20.01 -6.27 -16.24
CA ALA A 151 -20.05 -6.57 -17.66
C ALA A 151 -18.67 -6.96 -18.17
N GLU A 152 -17.65 -6.29 -17.66
CA GLU A 152 -16.28 -6.52 -18.08
C GLU A 152 -15.84 -7.91 -17.68
N PRO B 2 27.61 -12.45 -2.84
CA PRO B 2 26.23 -12.63 -2.40
C PRO B 2 25.37 -13.51 -3.31
N THR B 3 24.71 -14.47 -2.69
CA THR B 3 23.68 -15.26 -3.35
C THR B 3 22.44 -14.41 -3.58
N PRO B 4 21.49 -14.92 -4.37
CA PRO B 4 20.21 -14.19 -4.51
C PRO B 4 19.49 -13.94 -3.19
N VAL B 5 19.52 -14.90 -2.26
CA VAL B 5 18.85 -14.72 -0.97
C VAL B 5 19.48 -13.55 -0.23
N GLU B 6 20.81 -13.47 -0.26
CA GLU B 6 21.51 -12.40 0.41
C GLU B 6 21.25 -11.05 -0.25
N GLU B 7 21.21 -11.01 -1.59
CA GLU B 7 20.90 -9.77 -2.28
C GLU B 7 19.47 -9.32 -2.00
N ALA B 8 18.52 -10.25 -1.97
CA ALA B 8 17.14 -9.90 -1.64
C ALA B 8 17.06 -9.33 -0.24
N GLN B 9 17.77 -9.94 0.70
CA GLN B 9 17.77 -9.44 2.07
C GLN B 9 18.30 -8.02 2.12
N GLN B 10 19.37 -7.75 1.36
CA GLN B 10 19.97 -6.42 1.38
C GLN B 10 18.99 -5.40 0.81
N LYS B 11 18.25 -5.76 -0.24
CA LYS B 11 17.27 -4.84 -0.80
C LYS B 11 16.14 -4.58 0.18
N THR B 12 15.70 -5.61 0.89
CA THR B 12 14.65 -5.44 1.90
C THR B 12 15.11 -4.52 3.02
N ILE B 13 16.34 -4.71 3.52
CA ILE B 13 16.87 -3.80 4.54
C ILE B 13 16.94 -2.37 4.02
N GLU B 14 17.40 -2.18 2.78
CA GLU B 14 17.44 -0.85 2.21
C GLU B 14 16.04 -0.22 2.12
N ALA B 15 15.04 -1.02 1.72
CA ALA B 15 13.66 -0.51 1.64
C ALA B 15 13.15 -0.10 3.02
N ILE B 16 13.39 -0.93 4.04
CA ILE B 16 12.92 -0.63 5.38
C ILE B 16 13.59 0.64 5.91
N THR B 17 14.91 0.73 5.78
CA THR B 17 15.63 1.85 6.38
C THR B 17 15.24 3.16 5.70
N LYS B 18 15.09 3.15 4.37
CA LYS B 18 14.67 4.37 3.67
C LYS B 18 13.28 4.80 4.12
N ALA B 19 12.37 3.84 4.34
CA ALA B 19 11.03 4.17 4.81
C ALA B 19 11.07 4.71 6.23
N ILE B 20 11.79 4.03 7.11
CA ILE B 20 11.85 4.48 8.50
C ILE B 20 12.49 5.86 8.58
N ASN B 21 13.57 6.10 7.80
CA ASN B 21 14.22 7.41 7.88
C ASN B 21 13.29 8.53 7.42
N TYR B 22 12.50 8.26 6.38
CA TYR B 22 11.53 9.25 5.91
C TYR B 22 10.47 9.51 6.96
N MET B 23 9.91 8.44 7.55
CA MET B 23 8.83 8.63 8.52
C MET B 23 9.34 9.32 9.77
N ALA B 24 10.57 9.03 10.19
CA ALA B 24 11.12 9.70 11.36
C ALA B 24 11.19 11.21 11.13
N LYS B 25 11.70 11.61 9.96
CA LYS B 25 11.88 13.04 9.67
C LYS B 25 10.55 13.78 9.71
N ARG B 26 9.47 13.11 9.29
CA ARG B 26 8.15 13.72 9.19
C ARG B 26 7.28 13.41 10.38
N ARG B 27 7.78 12.68 11.37
CA ARG B 27 7.01 12.38 12.57
C ARG B 27 5.76 11.57 12.22
N ILE B 28 5.93 10.65 11.27
CA ILE B 28 4.89 9.69 10.92
C ILE B 28 5.06 8.46 11.81
N GLY B 29 4.09 8.23 12.69
CA GLY B 29 4.15 7.09 13.58
C GLY B 29 4.09 5.80 12.80
N ALA B 30 4.85 4.82 13.22
CA ALA B 30 4.90 3.56 12.48
C ALA B 30 5.24 2.43 13.43
N LEU B 31 4.79 1.24 13.07
CA LEU B 31 4.97 0.03 13.86
C LEU B 31 5.16 -1.12 12.90
N LEU B 32 6.38 -1.65 12.84
CA LEU B 32 6.79 -2.58 11.80
C LEU B 32 7.52 -3.78 12.41
N THR B 33 6.87 -4.94 12.39
CA THR B 33 7.40 -6.14 12.98
C THR B 33 7.91 -7.06 11.87
N ILE B 34 9.16 -7.51 12.02
CA ILE B 34 9.77 -8.48 11.11
C ILE B 34 9.74 -9.85 11.76
N GLU B 35 8.99 -10.77 11.16
CA GLU B 35 8.92 -12.15 11.65
C GLU B 35 10.29 -12.81 11.47
N ARG B 36 10.67 -13.62 12.45
CA ARG B 36 11.93 -14.36 12.39
C ARG B 36 11.56 -15.85 12.45
N ASP B 37 12.08 -16.59 13.40
CA ASP B 37 11.84 -18.03 13.41
C ASP B 37 10.57 -18.44 14.14
N THR B 38 10.04 -17.61 15.04
CA THR B 38 8.76 -17.88 15.66
C THR B 38 7.65 -17.37 14.75
N GLY B 39 6.82 -18.27 14.25
CA GLY B 39 5.80 -17.86 13.33
C GLY B 39 4.78 -16.94 13.97
N MET B 40 4.31 -15.97 13.18
CA MET B 40 3.38 -14.97 13.68
C MET B 40 2.05 -15.00 12.95
N GLY B 41 1.69 -16.16 12.42
CA GLY B 41 0.46 -16.29 11.66
C GLY B 41 -0.76 -15.78 12.40
N ASP B 42 -0.86 -16.07 13.71
CA ASP B 42 -2.05 -15.68 14.46
C ASP B 42 -2.21 -14.15 14.46
N TYR B 43 -1.10 -13.41 14.47
CA TYR B 43 -1.17 -11.94 14.45
C TYR B 43 -1.34 -11.40 13.03
N ILE B 44 -0.70 -12.05 12.04
CA ILE B 44 -0.89 -11.65 10.64
C ILE B 44 -2.37 -11.74 10.28
N GLU B 45 -3.06 -12.77 10.76
CA GLU B 45 -4.46 -13.01 10.38
C GLU B 45 -5.41 -12.00 10.97
N THR B 46 -4.95 -11.17 11.92
CA THR B 46 -5.81 -10.12 12.49
C THR B 46 -5.85 -8.87 11.63
N GLY B 47 -4.93 -8.73 10.67
CA GLY B 47 -4.82 -7.53 9.88
C GLY B 47 -5.47 -7.65 8.51
N ILE B 48 -5.16 -6.69 7.65
CA ILE B 48 -5.62 -6.69 6.27
C ILE B 48 -4.55 -7.39 5.43
N PRO B 49 -4.87 -8.48 4.74
CA PRO B 49 -3.83 -9.18 3.98
C PRO B 49 -3.34 -8.32 2.83
N LEU B 50 -2.01 -8.30 2.66
CA LEU B 50 -1.36 -7.68 1.51
C LEU B 50 -0.55 -8.68 0.70
N ASN B 51 0.30 -9.46 1.38
CA ASN B 51 1.23 -10.37 0.72
C ASN B 51 1.95 -9.67 -0.43
N ALA B 52 2.47 -8.47 -0.15
CA ALA B 52 2.99 -7.57 -1.17
C ALA B 52 4.50 -7.58 -1.16
N LYS B 53 5.09 -7.32 -2.33
CA LYS B 53 6.53 -7.08 -2.40
C LYS B 53 6.89 -5.85 -1.59
N VAL B 54 8.03 -5.91 -0.91
CA VAL B 54 8.47 -4.78 -0.11
C VAL B 54 8.92 -3.65 -1.02
N SER B 55 8.58 -2.42 -0.61
CA SER B 55 9.18 -1.23 -1.17
C SER B 55 9.13 -0.16 -0.10
N SER B 56 10.09 0.74 -0.16
CA SER B 56 10.05 1.89 0.74
C SER B 56 8.78 2.70 0.50
N GLU B 57 8.35 2.80 -0.77
CA GLU B 57 7.17 3.58 -1.11
C GLU B 57 5.90 2.99 -0.48
N LEU B 58 5.72 1.66 -0.57
CA LEU B 58 4.55 1.03 0.04
C LEU B 58 4.54 1.20 1.55
N LEU B 59 5.69 0.95 2.20
CA LEU B 59 5.77 1.11 3.65
C LEU B 59 5.34 2.51 4.06
N ILE B 60 5.86 3.53 3.38
CA ILE B 60 5.48 4.90 3.71
C ILE B 60 3.99 5.12 3.51
N ASN B 61 3.45 4.66 2.37
CA ASN B 61 2.03 4.87 2.08
C ASN B 61 1.13 4.21 3.13
N ILE B 62 1.58 3.10 3.71
CA ILE B 62 0.75 2.40 4.70
C ILE B 62 0.52 3.26 5.93
N PHE B 63 1.55 3.97 6.38
CA PHE B 63 1.49 4.60 7.69
C PHE B 63 1.07 6.07 7.65
N ILE B 64 0.71 6.61 6.49
CA ILE B 64 0.24 7.98 6.43
C ILE B 64 -0.92 8.18 7.40
N PRO B 65 -0.90 9.19 8.24
CA PRO B 65 -1.96 9.32 9.25
C PRO B 65 -3.34 9.47 8.63
N ASN B 66 -4.34 9.01 9.38
CA ASN B 66 -5.76 9.16 9.06
C ASN B 66 -6.16 8.35 7.82
N THR B 67 -5.47 7.25 7.56
CA THR B 67 -5.75 6.38 6.42
C THR B 67 -6.18 5.01 6.91
N PRO B 68 -6.79 4.22 6.03
CA PRO B 68 -7.26 2.90 6.48
C PRO B 68 -6.19 1.99 7.08
N LEU B 69 -4.96 2.02 6.60
CA LEU B 69 -3.99 1.03 7.01
C LEU B 69 -3.03 1.47 8.13
N HIS B 70 -3.15 2.71 8.63
CA HIS B 70 -2.04 3.27 9.41
C HIS B 70 -2.03 2.84 10.88
N ASP B 71 -3.15 2.40 11.43
CA ASP B 71 -3.21 2.02 12.82
C ASP B 71 -3.04 0.52 12.95
N GLY B 72 -2.23 0.10 13.90
CA GLY B 72 -1.85 -1.30 14.01
C GLY B 72 -0.52 -1.56 13.34
N ALA B 73 -0.10 -2.81 13.39
CA ALA B 73 1.23 -3.18 12.98
C ALA B 73 1.25 -3.65 11.55
N VAL B 74 2.31 -3.30 10.82
CA VAL B 74 2.71 -4.04 9.63
C VAL B 74 3.56 -5.24 10.06
N ILE B 75 3.25 -6.42 9.53
CA ILE B 75 4.05 -7.61 9.80
C ILE B 75 4.68 -8.07 8.50
N MET B 76 6.01 -8.14 8.49
CA MET B 76 6.76 -8.62 7.34
C MET B 76 7.19 -10.07 7.50
N LYS B 77 7.10 -10.81 6.40
CA LYS B 77 7.58 -12.18 6.31
C LYS B 77 8.63 -12.18 5.20
N ASN B 78 9.91 -12.35 5.59
CA ASN B 78 11.07 -12.38 4.71
C ASN B 78 11.01 -11.13 3.85
N ASN B 79 10.77 -11.26 2.55
CA ASN B 79 10.81 -10.11 1.64
C ASN B 79 9.42 -9.65 1.24
N GLU B 80 8.41 -9.90 2.08
CA GLU B 80 7.05 -9.49 1.79
C GLU B 80 6.43 -8.74 2.97
N ILE B 81 5.56 -7.80 2.63
CA ILE B 81 4.64 -7.23 3.62
C ILE B 81 3.44 -8.18 3.70
N ALA B 82 3.34 -8.96 4.77
CA ALA B 82 2.26 -9.97 4.87
C ALA B 82 0.90 -9.30 5.07
N ALA B 83 0.82 -8.34 5.99
CA ALA B 83 -0.44 -7.74 6.37
C ALA B 83 -0.16 -6.42 7.06
N ALA B 84 -1.16 -5.54 7.08
CA ALA B 84 -1.07 -4.25 7.75
C ALA B 84 -2.24 -4.13 8.72
N ALA B 85 -2.15 -3.16 9.63
CA ALA B 85 -3.23 -2.92 10.61
C ALA B 85 -3.49 -4.17 11.48
N CYS B 86 -2.41 -4.85 11.85
CA CYS B 86 -2.46 -6.05 12.66
C CYS B 86 -2.47 -5.69 14.15
N TYR B 87 -3.15 -6.52 14.94
CA TYR B 87 -3.09 -6.47 16.39
C TYR B 87 -1.81 -7.14 16.88
N LEU B 88 -1.21 -6.55 17.92
CA LEU B 88 -0.14 -7.17 18.69
C LEU B 88 -0.51 -7.02 20.15
N PRO B 89 -0.06 -7.92 21.02
CA PRO B 89 -0.38 -7.82 22.46
C PRO B 89 0.40 -6.69 23.11
N LEU B 90 -0.21 -6.03 24.10
CA LEU B 90 0.44 -4.93 24.81
C LEU B 90 1.26 -5.46 25.97
N SER B 91 2.51 -5.02 26.03
CA SER B 91 3.37 -5.34 27.16
C SER B 91 2.95 -4.55 28.40
N GLU B 92 3.13 -5.18 29.57
CA GLU B 92 2.98 -4.59 30.88
C GLU B 92 4.34 -4.37 31.55
N SER B 93 5.41 -4.42 30.75
CA SER B 93 6.73 -4.28 31.31
C SER B 93 6.90 -2.92 31.96
N PRO B 94 7.48 -2.84 33.17
CA PRO B 94 7.76 -1.53 33.78
C PRO B 94 8.94 -0.81 33.19
N PHE B 95 9.68 -1.42 32.27
CA PHE B 95 10.80 -0.76 31.62
C PHE B 95 10.45 -0.06 30.31
N ILE B 96 9.18 0.22 30.07
CA ILE B 96 8.77 1.03 28.94
C ILE B 96 8.58 2.44 29.49
N SER B 97 9.31 3.41 28.92
CA SER B 97 9.24 4.80 29.37
C SER B 97 7.77 5.22 29.48
N LYS B 98 7.44 5.87 30.60
CA LYS B 98 6.03 6.07 30.93
C LYS B 98 5.32 6.96 29.91
N GLU B 99 6.06 7.86 29.23
CA GLU B 99 5.50 8.81 28.27
C GLU B 99 5.08 8.13 26.96
N LEU B 100 5.52 6.89 26.73
CA LEU B 100 5.30 6.19 25.47
C LEU B 100 3.92 5.57 25.41
N GLY B 101 3.37 5.54 24.20
CA GLY B 101 2.03 5.09 23.95
C GLY B 101 1.91 3.69 23.40
N THR B 102 0.78 3.43 22.76
CA THR B 102 0.39 2.05 22.49
C THR B 102 1.31 1.40 21.46
N ARG B 103 1.86 2.14 20.50
CA ARG B 103 2.71 1.50 19.50
C ARG B 103 3.92 0.85 20.16
N HIS B 104 4.56 1.55 21.10
CA HIS B 104 5.74 1.00 21.75
C HIS B 104 5.38 -0.16 22.66
N ARG B 105 4.23 -0.08 23.34
CA ARG B 105 3.81 -1.18 24.21
C ARG B 105 3.43 -2.41 23.39
N ALA B 106 2.84 -2.22 22.21
CA ALA B 106 2.56 -3.35 21.34
C ALA B 106 3.84 -3.99 20.83
N ALA B 107 4.84 -3.18 20.49
CA ALA B 107 6.10 -3.71 19.98
C ALA B 107 6.81 -4.54 21.04
N VAL B 108 6.91 -4.01 22.27
CA VAL B 108 7.52 -4.81 23.32
C VAL B 108 6.70 -6.06 23.58
N GLY B 109 5.36 -5.93 23.53
CA GLY B 109 4.49 -7.08 23.76
C GLY B 109 4.75 -8.25 22.83
N ILE B 110 4.84 -7.99 21.52
CA ILE B 110 5.11 -9.07 20.59
C ILE B 110 6.53 -9.59 20.78
N SER B 111 7.46 -8.73 21.17
CA SER B 111 8.83 -9.15 21.38
C SER B 111 8.98 -10.05 22.60
N GLU B 112 7.97 -10.12 23.48
CA GLU B 112 8.05 -11.01 24.65
C GLU B 112 7.62 -12.44 24.35
N VAL B 113 6.96 -12.68 23.21
CA VAL B 113 6.39 -13.98 22.91
C VAL B 113 6.87 -14.48 21.56
N THR B 114 7.79 -13.75 20.93
CA THR B 114 8.38 -14.15 19.67
C THR B 114 9.82 -13.68 19.63
N ASP B 115 10.58 -14.18 18.66
CA ASP B 115 11.93 -13.70 18.37
C ASP B 115 11.95 -12.61 17.30
N SER B 116 10.82 -11.96 17.07
CA SER B 116 10.74 -10.97 16.01
C SER B 116 11.50 -9.70 16.39
N LEU B 117 11.80 -8.89 15.38
CA LEU B 117 12.37 -7.55 15.58
C LEU B 117 11.31 -6.54 15.16
N THR B 118 10.97 -5.62 16.04
CA THR B 118 9.98 -4.60 15.72
C THR B 118 10.61 -3.22 15.77
N ILE B 119 10.32 -2.41 14.76
CA ILE B 119 10.77 -1.02 14.68
C ILE B 119 9.58 -0.12 14.94
N ILE B 120 9.79 0.94 15.74
CA ILE B 120 8.74 1.90 16.07
C ILE B 120 9.24 3.31 15.76
N VAL B 121 8.42 4.12 15.09
CA VAL B 121 8.67 5.54 14.94
C VAL B 121 7.66 6.28 15.80
N SER B 122 8.15 7.17 16.66
CA SER B 122 7.27 7.93 17.54
C SER B 122 6.70 9.12 16.79
N GLU B 123 5.37 9.28 16.81
CA GLU B 123 4.77 10.45 16.19
C GLU B 123 5.01 11.72 17.01
N GLU B 124 5.38 11.55 18.27
CA GLU B 124 5.61 12.67 19.17
C GLU B 124 6.97 13.32 18.94
N THR B 125 8.02 12.51 18.80
CA THR B 125 9.38 13.03 18.73
C THR B 125 10.09 12.72 17.42
N GLY B 126 9.61 11.76 16.64
CA GLY B 126 10.34 11.24 15.49
C GLY B 126 11.41 10.23 15.85
N GLY B 127 11.59 9.93 17.12
CA GLY B 127 12.62 9.00 17.51
C GLY B 127 12.28 7.59 17.05
N VAL B 128 13.34 6.82 16.79
CA VAL B 128 13.24 5.46 16.29
C VAL B 128 13.71 4.50 17.36
N SER B 129 12.93 3.43 17.58
CA SER B 129 13.27 2.44 18.59
C SER B 129 13.05 1.05 18.01
N VAL B 130 13.67 0.07 18.68
CA VAL B 130 13.52 -1.35 18.35
C VAL B 130 13.16 -2.13 19.60
N ALA B 131 12.19 -3.05 19.45
CA ALA B 131 11.85 -4.02 20.49
C ALA B 131 12.31 -5.42 20.05
N LYS B 132 13.03 -6.08 20.95
CA LYS B 132 13.54 -7.42 20.71
C LYS B 132 13.71 -8.09 22.07
N ASN B 133 13.18 -9.32 22.19
CA ASN B 133 13.35 -10.15 23.39
C ASN B 133 12.93 -9.42 24.67
N GLY B 134 11.85 -8.64 24.58
CA GLY B 134 11.28 -7.98 25.74
C GLY B 134 11.91 -6.65 26.10
N ASP B 135 12.93 -6.20 25.37
CA ASP B 135 13.63 -4.95 25.67
C ASP B 135 13.34 -3.92 24.59
N LEU B 136 13.23 -2.65 24.99
CA LEU B 136 13.06 -1.54 24.06
C LEU B 136 14.33 -0.71 24.04
N HIS B 137 14.89 -0.53 22.85
CA HIS B 137 16.09 0.26 22.60
C HIS B 137 15.71 1.52 21.86
N ARG B 138 15.88 2.68 22.49
CA ARG B 138 15.34 3.93 21.99
C ARG B 138 16.39 4.82 21.33
N GLU B 139 15.88 5.83 20.63
CA GLU B 139 16.69 6.94 20.07
C GLU B 139 17.82 6.46 19.18
N LEU B 140 17.52 5.50 18.32
CA LEU B 140 18.53 4.93 17.43
C LEU B 140 18.90 5.90 16.32
N THR B 141 20.20 5.94 16.00
CA THR B 141 20.63 6.63 14.81
C THR B 141 20.29 5.78 13.60
N GLU B 142 20.34 6.40 12.41
CA GLU B 142 20.10 5.65 11.19
C GLU B 142 21.10 4.51 11.05
N GLU B 143 22.37 4.79 11.36
CA GLU B 143 23.42 3.79 11.29
C GLU B 143 23.16 2.63 12.24
N ALA B 144 22.74 2.93 13.48
CA ALA B 144 22.48 1.87 14.46
C ALA B 144 21.33 0.98 14.02
N LEU B 145 20.29 1.58 13.43
CA LEU B 145 19.16 0.75 13.02
C LEU B 145 19.55 -0.21 11.92
N LYS B 146 20.34 0.25 10.96
CA LYS B 146 20.69 -0.61 9.85
C LYS B 146 21.68 -1.70 10.27
N GLU B 147 22.56 -1.38 11.22
CA GLU B 147 23.44 -2.39 11.77
C GLU B 147 22.64 -3.44 12.54
N MET B 148 21.58 -3.03 13.24
CA MET B 148 20.73 -4.00 13.92
C MET B 148 20.02 -4.90 12.91
N LEU B 149 19.54 -4.32 11.81
CA LEU B 149 18.84 -5.10 10.80
C LEU B 149 19.80 -6.06 10.10
N GLU B 150 20.98 -5.59 9.72
CA GLU B 150 21.95 -6.46 9.06
C GLU B 150 22.36 -7.63 9.97
N ALA B 151 22.47 -7.37 11.27
CA ALA B 151 22.86 -8.43 12.21
C ALA B 151 21.72 -9.43 12.40
N GLU B 152 20.48 -8.95 12.38
CA GLU B 152 19.33 -9.85 12.46
C GLU B 152 19.29 -10.80 11.27
N PHE B 153 19.90 -10.41 10.15
CA PHE B 153 19.85 -11.13 8.86
C PHE B 153 18.51 -10.95 8.14
#